data_4ACV
#
_entry.id   4ACV
#
_cell.length_a   122.456
_cell.length_b   122.456
_cell.length_c   122.456
_cell.angle_alpha   90.00
_cell.angle_beta   90.00
_cell.angle_gamma   90.00
#
_symmetry.space_group_name_H-M   'I 2 3'
#
loop_
_entity.id
_entity.type
_entity.pdbx_description
1 polymer 'PROPHAGE LAMBDALM01, ANTIGEN B'
2 polymer 'PROPHAGE LAMBDALM01, ANTIGEN B'
3 water water
#
loop_
_entity_poly.entity_id
_entity_poly.type
_entity_poly.pdbx_seq_one_letter_code
_entity_poly.pdbx_strand_id
1 'polypeptide(L)'
;MKSLSFMRVLEAVRTMLQEKGGLDVSIVMRNQVEMPTTMIEMIDQEEEESQTAWKEKYRFAIHHYTNEQDLAGVEMIDTL
IQMGFILPEGYKLVAVRHCGKQNLVKENTLIHAKTSFEVSICRELKVKI
;
A
2 'polypeptide(L)'
;MKSLSFMRVLEAVRTMLEEKGGLDVSIVMRNQVEMPTTMIEMIDQEEEESQTAWKEKYRFAIHHYTNEQDLAGVEMIDTL
IQMGFILPEGYKLVAVRHCGKQNLVKENTLIHAKTSFEVSICRELKVKI
;
B
#
# COMPACT_ATOMS: atom_id res chain seq x y z
N LYS A 2 11.79 -2.59 9.87
CA LYS A 2 10.67 -2.89 8.99
C LYS A 2 10.19 -1.68 8.19
N SER A 3 9.36 -1.95 7.21
CA SER A 3 8.80 -0.91 6.37
C SER A 3 7.37 -0.61 6.77
N LEU A 4 7.05 0.67 6.88
CA LEU A 4 5.71 1.15 7.23
C LEU A 4 4.66 0.76 6.18
N SER A 5 3.54 0.22 6.65
CA SER A 5 2.41 -0.09 5.78
C SER A 5 1.85 1.18 5.15
N PHE A 6 1.51 1.13 3.86
CA PHE A 6 0.94 2.29 3.18
C PHE A 6 -0.21 2.90 3.99
N MET A 7 -1.00 2.03 4.60
CA MET A 7 -2.16 2.48 5.37
C MET A 7 -1.75 3.36 6.54
N ARG A 8 -0.66 3.00 7.20
CA ARG A 8 -0.10 3.82 8.25
C ARG A 8 0.26 5.22 7.71
N VAL A 9 0.85 5.26 6.52
CA VAL A 9 1.17 6.53 5.87
C VAL A 9 -0.09 7.33 5.54
N LEU A 10 -1.09 6.66 4.98
CA LEU A 10 -2.40 7.29 4.74
C LEU A 10 -2.93 7.92 6.03
N GLU A 11 -2.88 7.16 7.12
CA GLU A 11 -3.42 7.65 8.40
C GLU A 11 -2.69 8.90 8.91
N ALA A 12 -1.36 8.89 8.79
CA ALA A 12 -0.54 10.02 9.18
C ALA A 12 -0.85 11.28 8.36
N VAL A 13 -1.10 11.13 7.06
CA VAL A 13 -1.49 12.28 6.25
C VAL A 13 -2.86 12.81 6.64
N ARG A 14 -3.82 11.90 6.83
CA ARG A 14 -5.17 12.27 7.24
C ARG A 14 -5.16 13.02 8.57
N THR A 15 -4.41 12.49 9.54
CA THR A 15 -4.27 13.11 10.85
C THR A 15 -3.63 14.49 10.75
N MET A 16 -2.60 14.61 9.92
CA MET A 16 -1.99 15.92 9.66
C MET A 16 -2.99 16.90 9.04
N LEU A 17 -3.72 16.46 8.01
CA LEU A 17 -4.67 17.33 7.36
C LEU A 17 -5.75 17.76 8.35
N GLN A 18 -6.16 16.84 9.21
CA GLN A 18 -7.22 17.12 10.14
C GLN A 18 -6.74 17.98 11.29
N GLU A 19 -5.58 17.65 11.85
CA GLU A 19 -5.11 18.37 13.02
C GLU A 19 -4.39 19.67 12.69
N LYS A 20 -3.82 19.75 11.49
CA LYS A 20 -3.01 20.91 11.15
C LYS A 20 -3.80 21.85 10.24
N GLY A 21 -4.73 21.28 9.48
CA GLY A 21 -5.48 22.06 8.52
C GLY A 21 -6.96 22.15 8.82
N GLY A 22 -7.40 21.39 9.82
CA GLY A 22 -8.81 21.34 10.17
C GLY A 22 -9.69 20.71 9.10
N LEU A 23 -9.09 19.98 8.17
CA LEU A 23 -9.82 19.36 7.06
C LEU A 23 -10.28 17.95 7.40
N ASP A 24 -11.37 17.53 6.77
CA ASP A 24 -11.95 16.22 7.01
C ASP A 24 -11.68 15.33 5.80
N VAL A 25 -10.63 14.52 5.88
CA VAL A 25 -10.17 13.76 4.72
C VAL A 25 -10.33 12.26 4.97
N SER A 26 -10.82 11.55 3.95
CA SER A 26 -11.01 10.12 4.04
C SER A 26 -9.85 9.40 3.36
N ILE A 27 -9.41 8.27 3.90
CA ILE A 27 -8.26 7.57 3.34
C ILE A 27 -8.67 6.43 2.38
N VAL A 28 -9.97 6.31 2.15
CA VAL A 28 -10.51 5.28 1.27
C VAL A 28 -10.95 5.87 -0.07
N MET A 29 -10.38 5.33 -1.14
CA MET A 29 -10.72 5.74 -2.48
C MET A 29 -12.10 5.18 -2.86
N ARG A 30 -12.93 6.05 -3.43
CA ARG A 30 -14.24 5.63 -3.93
C ARG A 30 -14.37 6.13 -5.37
N ASN A 31 -15.02 5.34 -6.21
CA ASN A 31 -15.18 5.69 -7.62
C ASN A 31 -16.26 6.73 -7.84
N GLN A 32 -17.48 6.42 -7.44
CA GLN A 32 -18.62 7.33 -7.60
C GLN A 32 -18.67 8.33 -6.46
N VAL A 33 -18.61 9.62 -6.80
CA VAL A 33 -18.66 10.68 -5.80
C VAL A 33 -19.74 11.70 -6.17
N GLU A 34 -20.57 12.07 -5.20
CA GLU A 34 -21.73 12.91 -5.45
C GLU A 34 -21.75 14.24 -4.70
N MET A 35 -21.13 14.26 -3.53
CA MET A 35 -21.08 15.48 -2.74
C MET A 35 -19.62 15.89 -2.54
N PRO A 36 -19.38 17.18 -2.28
CA PRO A 36 -18.01 17.61 -1.99
C PRO A 36 -17.30 16.69 -0.98
N THR A 37 -16.00 16.49 -1.19
CA THR A 37 -15.22 15.60 -0.37
C THR A 37 -13.73 15.63 -0.74
N THR A 38 -12.92 15.18 0.20
CA THR A 38 -11.49 15.02 0.00
C THR A 38 -11.09 13.61 0.43
N MET A 39 -10.52 12.85 -0.51
CA MET A 39 -10.04 11.51 -0.23
C MET A 39 -8.58 11.41 -0.64
N ILE A 40 -7.87 10.52 0.05
CA ILE A 40 -6.52 10.18 -0.32
C ILE A 40 -6.53 8.83 -1.04
N GLU A 41 -5.85 8.76 -2.18
CA GLU A 41 -5.75 7.50 -2.89
C GLU A 41 -4.30 7.02 -2.97
N MET A 42 -4.01 5.95 -2.25
CA MET A 42 -2.67 5.39 -2.29
C MET A 42 -2.51 4.72 -3.65
N ILE A 43 -1.32 4.82 -4.23
CA ILE A 43 -1.10 4.30 -5.57
C ILE A 43 -0.05 3.17 -5.57
N ASP A 44 1.16 3.46 -5.14
CA ASP A 44 2.21 2.44 -5.07
C ASP A 44 3.35 2.78 -4.12
N GLN A 45 4.26 1.82 -3.94
CA GLN A 45 5.33 1.93 -2.97
C GLN A 45 6.55 1.21 -3.51
N GLU A 46 7.73 1.75 -3.23
CA GLU A 46 8.97 1.14 -3.69
C GLU A 46 10.07 1.38 -2.67
N GLU A 47 10.73 0.30 -2.23
CA GLU A 47 11.85 0.41 -1.31
C GLU A 47 13.14 0.56 -2.11
N GLU A 48 13.82 1.69 -1.93
CA GLU A 48 14.97 2.06 -2.73
C GLU A 48 16.25 1.46 -2.15
N TRP A 54 17.17 1.41 3.69
CA TRP A 54 16.51 2.22 4.72
C TRP A 54 15.66 3.35 4.14
N LYS A 55 15.55 3.41 2.82
CA LYS A 55 14.83 4.51 2.15
C LYS A 55 13.68 3.99 1.29
N GLU A 56 12.54 4.67 1.35
CA GLU A 56 11.35 4.25 0.63
C GLU A 56 10.54 5.39 0.02
N LYS A 57 9.82 5.07 -1.05
CA LYS A 57 8.96 6.03 -1.72
C LYS A 57 7.53 5.53 -1.74
N TYR A 58 6.62 6.41 -1.33
CA TYR A 58 5.18 6.13 -1.42
C TYR A 58 4.60 7.15 -2.36
N ARG A 59 3.70 6.71 -3.21
CA ARG A 59 2.98 7.61 -4.09
C ARG A 59 1.49 7.53 -3.86
N PHE A 60 0.86 8.69 -3.74
CA PHE A 60 -0.57 8.76 -3.50
C PHE A 60 -1.11 10.05 -4.10
N ALA A 61 -2.40 10.07 -4.36
CA ALA A 61 -3.02 11.27 -4.89
C ALA A 61 -4.06 11.80 -3.92
N ILE A 62 -4.22 13.12 -3.90
CA ILE A 62 -5.30 13.74 -3.19
C ILE A 62 -6.42 14.09 -4.16
N HIS A 63 -7.62 13.61 -3.86
CA HIS A 63 -8.79 13.98 -4.64
C HIS A 63 -9.66 14.98 -3.88
N HIS A 64 -9.89 16.13 -4.50
CA HIS A 64 -10.63 17.22 -3.87
C HIS A 64 -11.81 17.53 -4.79
N TYR A 65 -13.01 17.17 -4.35
CA TYR A 65 -14.22 17.44 -5.12
C TYR A 65 -14.91 18.67 -4.53
N THR A 66 -15.27 19.62 -5.38
CA THR A 66 -16.00 20.79 -4.91
C THR A 66 -16.99 21.20 -5.97
N ASN A 67 -18.03 21.94 -5.56
CA ASN A 67 -19.01 22.40 -6.52
C ASN A 67 -18.47 23.49 -7.45
N GLU A 68 -17.56 24.31 -6.93
CA GLU A 68 -16.87 25.29 -7.76
C GLU A 68 -15.35 25.10 -7.67
N GLN A 69 -14.63 25.66 -8.62
CA GLN A 69 -13.16 25.62 -8.59
C GLN A 69 -12.63 26.11 -7.24
N ASP A 70 -11.81 25.28 -6.59
CA ASP A 70 -11.31 25.62 -5.25
C ASP A 70 -9.77 25.69 -5.17
N LEU A 71 -9.19 26.71 -5.80
CA LEU A 71 -7.75 26.90 -5.81
C LEU A 71 -7.21 27.04 -4.40
N ALA A 72 -7.93 27.80 -3.59
CA ALA A 72 -7.53 28.04 -2.21
C ALA A 72 -7.44 26.74 -1.43
N GLY A 73 -8.49 25.92 -1.52
CA GLY A 73 -8.57 24.68 -0.76
C GLY A 73 -7.56 23.66 -1.22
N VAL A 74 -7.50 23.49 -2.55
CA VAL A 74 -6.57 22.57 -3.20
C VAL A 74 -5.15 22.92 -2.80
N GLU A 75 -4.85 24.21 -2.80
CA GLU A 75 -3.50 24.65 -2.51
C GLU A 75 -3.16 24.64 -1.03
N MET A 76 -4.13 24.91 -0.17
CA MET A 76 -3.94 24.70 1.27
C MET A 76 -3.44 23.27 1.46
N ILE A 77 -4.21 22.32 0.95
CA ILE A 77 -3.86 20.91 1.03
C ILE A 77 -2.47 20.65 0.45
N ASP A 78 -2.23 21.19 -0.74
CA ASP A 78 -0.96 20.99 -1.43
C ASP A 78 0.17 21.46 -0.54
N THR A 79 -0.02 22.64 0.05
CA THR A 79 0.98 23.25 0.92
C THR A 79 1.13 22.50 2.24
N LEU A 80 0.01 22.10 2.81
CA LEU A 80 0.06 21.32 4.05
C LEU A 80 0.91 20.07 3.85
N ILE A 81 0.63 19.34 2.78
CA ILE A 81 1.32 18.09 2.53
C ILE A 81 2.83 18.33 2.32
N GLN A 82 3.16 19.34 1.53
CA GLN A 82 4.55 19.73 1.30
C GLN A 82 5.33 20.12 2.56
N MET A 83 4.64 20.65 3.57
CA MET A 83 5.27 20.96 4.84
C MET A 83 5.59 19.72 5.69
N GLY A 84 4.93 18.61 5.39
CA GLY A 84 5.21 17.35 6.04
C GLY A 84 4.12 16.87 6.95
N PHE A 85 4.37 15.73 7.59
CA PHE A 85 3.45 15.10 8.52
C PHE A 85 4.28 14.16 9.39
N ILE A 86 3.84 13.99 10.63
CA ILE A 86 4.51 13.15 11.60
C ILE A 86 4.29 11.66 11.31
N LEU A 87 5.30 10.86 11.60
CA LEU A 87 5.23 9.42 11.43
C LEU A 87 5.54 8.69 12.74
N PRO A 88 5.13 7.41 12.84
CA PRO A 88 5.43 6.63 14.04
C PRO A 88 6.95 6.57 14.30
N GLU A 89 7.31 6.45 15.57
CA GLU A 89 8.72 6.40 15.95
C GLU A 89 9.52 5.46 15.06
N GLY A 90 10.68 5.94 14.60
CA GLY A 90 11.60 5.14 13.80
C GLY A 90 11.48 5.43 12.33
N TYR A 91 10.50 6.23 11.96
CA TYR A 91 10.24 6.55 10.56
C TYR A 91 10.21 8.06 10.36
N LYS A 92 10.96 8.57 9.40
CA LYS A 92 11.00 10.00 9.13
C LYS A 92 10.73 10.37 7.68
N LEU A 93 9.82 11.32 7.48
CA LEU A 93 9.58 11.86 6.16
C LEU A 93 10.77 12.73 5.76
N VAL A 94 11.37 12.40 4.63
CA VAL A 94 12.60 13.05 4.19
C VAL A 94 12.36 13.99 3.01
N ALA A 95 11.37 13.67 2.17
CA ALA A 95 11.03 14.53 1.05
C ALA A 95 9.60 14.36 0.59
N VAL A 96 9.04 15.45 0.09
CA VAL A 96 7.74 15.45 -0.53
C VAL A 96 7.90 16.15 -1.86
N ARG A 97 7.35 15.58 -2.91
CA ARG A 97 7.43 16.21 -4.21
C ARG A 97 6.21 15.81 -5.03
N HIS A 98 5.86 16.67 -5.99
CA HIS A 98 4.81 16.33 -6.92
C HIS A 98 5.33 15.29 -7.88
N CYS A 99 4.50 14.30 -8.17
CA CYS A 99 4.89 13.27 -9.10
C CYS A 99 3.64 12.59 -9.68
N GLY A 100 3.61 12.40 -10.99
CA GLY A 100 2.50 11.72 -11.65
C GLY A 100 1.34 12.61 -12.10
N LYS A 101 0.15 12.00 -12.19
CA LYS A 101 -1.03 12.68 -12.73
C LYS A 101 -1.52 13.84 -11.87
N GLN A 102 -1.67 14.99 -12.50
CA GLN A 102 -2.33 16.12 -11.89
C GLN A 102 -3.50 16.43 -12.82
N ASN A 103 -4.73 16.34 -12.30
CA ASN A 103 -5.93 16.54 -13.12
C ASN A 103 -6.88 17.56 -12.54
N LEU A 104 -7.65 18.17 -13.42
CA LEU A 104 -8.77 19.01 -13.04
C LEU A 104 -9.89 18.74 -14.05
N VAL A 105 -10.91 18.00 -13.63
CA VAL A 105 -11.94 17.54 -14.56
C VAL A 105 -13.35 17.72 -13.99
N LYS A 106 -14.34 17.80 -14.87
CA LYS A 106 -15.72 17.90 -14.44
C LYS A 106 -16.33 16.52 -14.49
N GLU A 107 -16.70 16.01 -13.32
CA GLU A 107 -17.30 14.69 -13.19
C GLU A 107 -18.63 14.84 -12.45
N ASN A 108 -19.68 14.21 -12.97
CA ASN A 108 -21.04 14.46 -12.47
C ASN A 108 -21.36 15.94 -12.58
N THR A 109 -21.55 16.59 -11.42
CA THR A 109 -21.75 18.03 -11.38
C THR A 109 -20.63 18.73 -10.62
N LEU A 110 -19.60 17.97 -10.26
CA LEU A 110 -18.55 18.43 -9.35
C LEU A 110 -17.21 18.67 -10.04
N ILE A 111 -16.48 19.67 -9.54
CA ILE A 111 -15.11 19.90 -9.95
C ILE A 111 -14.17 18.95 -9.20
N HIS A 112 -13.55 18.04 -9.94
CA HIS A 112 -12.66 17.00 -9.39
C HIS A 112 -11.20 17.35 -9.63
N ALA A 113 -10.50 17.66 -8.54
CA ALA A 113 -9.07 17.95 -8.58
C ALA A 113 -8.25 16.78 -8.04
N LYS A 114 -7.33 16.30 -8.86
CA LYS A 114 -6.44 15.21 -8.47
C LYS A 114 -5.01 15.71 -8.43
N THR A 115 -4.36 15.56 -7.27
CA THR A 115 -2.97 15.96 -7.12
C THR A 115 -2.11 14.78 -6.65
N SER A 116 -1.07 14.47 -7.40
CA SER A 116 -0.23 13.34 -7.08
C SER A 116 1.12 13.69 -6.45
N PHE A 117 1.44 12.98 -5.38
CA PHE A 117 2.64 13.22 -4.57
C PHE A 117 3.49 11.98 -4.52
N GLU A 118 4.79 12.18 -4.37
CA GLU A 118 5.69 11.10 -4.01
C GLU A 118 6.40 11.51 -2.72
N VAL A 119 6.38 10.65 -1.71
CA VAL A 119 7.13 10.95 -0.49
C VAL A 119 8.25 9.94 -0.20
N SER A 120 9.39 10.44 0.24
CA SER A 120 10.51 9.60 0.63
C SER A 120 10.59 9.50 2.14
N ILE A 121 10.62 8.28 2.64
CA ILE A 121 10.60 8.03 4.08
C ILE A 121 11.79 7.18 4.49
N CYS A 122 12.50 7.62 5.52
CA CYS A 122 13.65 6.88 6.05
C CYS A 122 13.33 6.16 7.37
N ARG A 123 13.90 4.99 7.55
CA ARG A 123 13.79 4.30 8.82
C ARG A 123 15.16 4.02 9.43
N GLU A 124 15.16 3.73 10.74
CA GLU A 124 16.38 3.38 11.45
C GLU A 124 17.04 2.15 10.84
N LEU A 125 18.36 2.14 10.81
CA LEU A 125 19.10 0.96 10.36
C LEU A 125 20.05 0.48 11.46
N MET B 1 19.02 -26.90 -6.05
CA MET B 1 19.31 -25.82 -6.98
C MET B 1 18.34 -25.73 -8.17
N LYS B 2 17.15 -26.33 -8.02
CA LYS B 2 16.04 -26.08 -8.95
C LYS B 2 15.29 -24.82 -8.55
N SER B 3 14.85 -24.03 -9.52
CA SER B 3 14.06 -22.83 -9.22
C SER B 3 12.72 -23.17 -8.56
N LEU B 4 12.44 -22.52 -7.43
CA LEU B 4 11.22 -22.80 -6.68
C LEU B 4 9.97 -22.29 -7.40
N SER B 5 8.97 -23.16 -7.49
CA SER B 5 7.66 -22.82 -8.05
C SER B 5 6.93 -21.77 -7.22
N PHE B 6 6.15 -20.91 -7.87
CA PHE B 6 5.42 -19.87 -7.16
C PHE B 6 4.53 -20.45 -6.05
N MET B 7 3.90 -21.59 -6.31
CA MET B 7 2.96 -22.19 -5.36
C MET B 7 3.61 -22.56 -4.05
N ARG B 8 4.84 -23.05 -4.12
CA ARG B 8 5.64 -23.33 -2.94
C ARG B 8 5.81 -22.06 -2.12
N VAL B 9 6.03 -20.93 -2.80
CA VAL B 9 6.16 -19.64 -2.13
C VAL B 9 4.82 -19.18 -1.54
N LEU B 10 3.75 -19.31 -2.33
CA LEU B 10 2.39 -19.12 -1.81
C LEU B 10 2.16 -19.90 -0.51
N GLU B 11 2.42 -21.20 -0.55
CA GLU B 11 2.24 -22.04 0.62
C GLU B 11 3.09 -21.59 1.81
N ALA B 12 4.34 -21.23 1.56
CA ALA B 12 5.23 -20.80 2.64
C ALA B 12 4.60 -19.62 3.39
N VAL B 13 4.08 -18.66 2.64
CA VAL B 13 3.47 -17.46 3.21
C VAL B 13 2.15 -17.75 3.92
N ARG B 14 1.29 -18.53 3.28
CA ARG B 14 0.00 -18.90 3.88
C ARG B 14 0.24 -19.63 5.20
N THR B 15 1.18 -20.57 5.20
CA THR B 15 1.45 -21.40 6.36
C THR B 15 1.95 -20.57 7.53
N MET B 16 2.75 -19.56 7.23
CA MET B 16 3.29 -18.67 8.24
C MET B 16 2.20 -17.81 8.89
N LEU B 17 1.28 -17.30 8.08
CA LEU B 17 0.25 -16.40 8.58
C LEU B 17 -0.76 -17.16 9.44
N GLU B 18 -0.90 -18.44 9.11
CA GLU B 18 -1.78 -19.34 9.86
C GLU B 18 -1.10 -19.77 11.17
N GLU B 19 0.12 -20.27 11.05
CA GLU B 19 0.89 -20.75 12.20
C GLU B 19 1.38 -19.67 13.16
N LYS B 20 1.90 -18.57 12.62
CA LYS B 20 2.43 -17.50 13.45
C LYS B 20 1.38 -16.44 13.73
N GLY B 21 0.38 -16.35 12.84
CA GLY B 21 -0.61 -15.29 12.95
C GLY B 21 -2.01 -15.74 13.38
N GLY B 22 -2.29 -17.03 13.27
CA GLY B 22 -3.62 -17.53 13.53
C GLY B 22 -4.62 -17.06 12.48
N LEU B 23 -4.12 -16.56 11.36
CA LEU B 23 -4.99 -16.07 10.29
C LEU B 23 -5.28 -17.13 9.25
N ASP B 24 -6.52 -17.12 8.77
CA ASP B 24 -6.93 -17.95 7.64
C ASP B 24 -6.85 -17.16 6.34
N VAL B 25 -5.92 -17.56 5.49
CA VAL B 25 -5.66 -16.87 4.24
C VAL B 25 -5.69 -17.86 3.07
N SER B 26 -6.36 -17.48 2.00
CA SER B 26 -6.41 -18.31 0.80
C SER B 26 -5.27 -17.94 -0.15
N ILE B 27 -4.73 -18.94 -0.87
CA ILE B 27 -3.70 -18.68 -1.88
C ILE B 27 -4.30 -18.66 -3.28
N VAL B 28 -5.62 -18.76 -3.35
CA VAL B 28 -6.32 -18.65 -4.61
C VAL B 28 -6.97 -17.29 -4.74
N MET B 29 -6.55 -16.54 -5.76
CA MET B 29 -7.15 -15.26 -6.05
C MET B 29 -8.57 -15.46 -6.59
N ARG B 30 -9.52 -14.69 -6.08
CA ARG B 30 -10.91 -14.75 -6.56
C ARG B 30 -11.28 -13.40 -7.15
N ASN B 31 -11.91 -13.41 -8.32
CA ASN B 31 -12.24 -12.17 -9.00
C ASN B 31 -13.58 -11.58 -8.55
N GLN B 32 -14.42 -12.41 -7.94
CA GLN B 32 -15.72 -11.97 -7.45
C GLN B 32 -15.84 -12.19 -5.95
N VAL B 33 -15.60 -11.14 -5.17
CA VAL B 33 -15.68 -11.20 -3.72
C VAL B 33 -16.91 -10.45 -3.21
N GLU B 34 -17.68 -11.08 -2.32
CA GLU B 34 -18.86 -10.45 -1.74
C GLU B 34 -18.94 -10.64 -0.24
N MET B 35 -17.81 -10.94 0.39
CA MET B 35 -17.76 -11.08 1.84
C MET B 35 -16.31 -10.95 2.30
N PRO B 36 -16.12 -10.51 3.55
CA PRO B 36 -14.75 -10.37 4.05
C PRO B 36 -13.89 -11.63 3.80
N THR B 37 -12.62 -11.42 3.51
CA THR B 37 -11.71 -12.51 3.21
C THR B 37 -10.30 -11.97 3.00
N THR B 38 -9.32 -12.84 3.18
CA THR B 38 -7.93 -12.50 2.92
C THR B 38 -7.33 -13.48 1.95
N MET B 39 -6.78 -12.95 0.86
CA MET B 39 -6.28 -13.72 -0.26
C MET B 39 -4.91 -13.25 -0.65
N ILE B 40 -4.08 -14.19 -1.10
CA ILE B 40 -2.80 -13.84 -1.71
C ILE B 40 -2.91 -13.98 -3.20
N GLU B 41 -2.59 -12.92 -3.92
CA GLU B 41 -2.58 -12.97 -5.37
C GLU B 41 -1.13 -12.99 -5.88
N MET B 42 -0.73 -14.12 -6.47
CA MET B 42 0.58 -14.21 -7.09
C MET B 42 0.55 -13.42 -8.38
N ILE B 43 1.64 -12.73 -8.69
CA ILE B 43 1.69 -11.88 -9.87
C ILE B 43 2.74 -12.34 -10.89
N ASP B 44 4.01 -12.33 -10.50
CA ASP B 44 5.06 -12.70 -11.44
C ASP B 44 6.35 -13.14 -10.76
N GLN B 45 7.36 -13.50 -11.55
CA GLN B 45 8.59 -14.07 -11.05
C GLN B 45 9.68 -13.81 -12.07
N GLU B 46 10.86 -13.43 -11.61
CA GLU B 46 11.97 -13.06 -12.49
C GLU B 46 13.31 -13.45 -11.88
N GLU B 47 14.29 -13.80 -12.71
CA GLU B 47 15.63 -13.94 -12.20
C GLU B 47 16.24 -12.59 -11.80
N GLU B 48 17.11 -12.63 -10.81
CA GLU B 48 17.80 -11.43 -10.35
C GLU B 48 19.30 -11.69 -10.53
N GLU B 49 20.09 -10.65 -10.74
CA GLU B 49 21.50 -10.87 -11.01
C GLU B 49 22.23 -11.40 -9.77
N SER B 50 22.98 -12.49 -9.95
CA SER B 50 23.74 -13.04 -8.85
C SER B 50 25.12 -13.48 -9.26
N GLN B 51 26.04 -12.54 -9.07
CA GLN B 51 27.46 -12.77 -8.85
C GLN B 51 27.84 -14.22 -8.48
N THR B 52 27.37 -14.65 -7.32
CA THR B 52 27.88 -15.85 -6.65
C THR B 52 26.86 -16.97 -6.51
N ALA B 53 25.62 -16.72 -6.90
CA ALA B 53 24.57 -17.71 -6.63
C ALA B 53 23.45 -17.62 -7.65
N TRP B 54 22.25 -18.04 -7.24
CA TRP B 54 21.08 -17.84 -8.10
C TRP B 54 20.04 -17.16 -7.26
N LYS B 55 19.65 -15.96 -7.69
CA LYS B 55 18.67 -15.13 -7.01
C LYS B 55 17.44 -14.94 -7.90
N GLU B 56 16.27 -14.86 -7.28
CA GLU B 56 15.03 -14.76 -8.00
C GLU B 56 14.06 -13.86 -7.21
N LYS B 57 13.29 -13.05 -7.93
CA LYS B 57 12.29 -12.19 -7.32
C LYS B 57 10.90 -12.71 -7.60
N TYR B 58 10.10 -12.83 -6.55
CA TYR B 58 8.70 -13.17 -6.70
C TYR B 58 7.84 -12.00 -6.24
N ARG B 59 6.81 -11.69 -7.01
CA ARG B 59 5.87 -10.65 -6.65
C ARG B 59 4.47 -11.20 -6.40
N PHE B 60 3.85 -10.75 -5.32
CA PHE B 60 2.49 -11.16 -5.03
C PHE B 60 1.84 -10.04 -4.23
N ALA B 61 0.53 -10.10 -4.10
CA ALA B 61 -0.20 -9.08 -3.38
C ALA B 61 -1.13 -9.72 -2.35
N ILE B 62 -1.27 -9.06 -1.21
CA ILE B 62 -2.26 -9.49 -0.24
C ILE B 62 -3.52 -8.66 -0.38
N HIS B 63 -4.64 -9.35 -0.61
CA HIS B 63 -5.95 -8.71 -0.70
C HIS B 63 -6.73 -8.92 0.58
N HIS B 64 -6.96 -7.83 1.31
CA HIS B 64 -7.68 -7.87 2.58
C HIS B 64 -9.02 -7.14 2.47
N TYR B 65 -10.11 -7.91 2.36
CA TYR B 65 -11.47 -7.35 2.31
C TYR B 65 -12.14 -7.41 3.67
N THR B 66 -12.68 -6.30 4.12
CA THR B 66 -13.33 -6.23 5.41
C THR B 66 -14.58 -5.36 5.30
N ASN B 67 -15.50 -5.53 6.24
CA ASN B 67 -16.71 -4.72 6.29
C ASN B 67 -16.44 -3.23 6.46
N GLU B 68 -15.27 -2.90 7.01
CA GLU B 68 -14.87 -1.52 7.21
C GLU B 68 -13.36 -1.42 7.41
N GLN B 69 -12.84 -0.20 7.53
CA GLN B 69 -11.40 0.00 7.73
C GLN B 69 -10.84 -0.92 8.81
N ASP B 70 -9.72 -1.54 8.50
CA ASP B 70 -9.10 -2.49 9.40
C ASP B 70 -7.58 -2.34 9.35
N LEU B 71 -7.09 -1.23 9.90
CA LEU B 71 -5.65 -0.97 9.93
C LEU B 71 -4.90 -1.97 10.81
N ALA B 72 -5.51 -2.35 11.93
CA ALA B 72 -4.90 -3.33 12.82
C ALA B 72 -4.62 -4.65 12.10
N GLY B 73 -5.65 -5.21 11.48
CA GLY B 73 -5.53 -6.41 10.66
C GLY B 73 -4.59 -6.31 9.46
N VAL B 74 -4.66 -5.20 8.72
CA VAL B 74 -3.74 -4.98 7.60
C VAL B 74 -2.28 -4.97 8.05
N GLU B 75 -2.01 -4.24 9.12
CA GLU B 75 -0.67 -4.17 9.70
C GLU B 75 -0.19 -5.50 10.30
N MET B 76 -1.11 -6.28 10.85
CA MET B 76 -0.74 -7.58 11.37
C MET B 76 -0.17 -8.40 10.22
N ILE B 77 -0.94 -8.51 9.15
CA ILE B 77 -0.53 -9.28 8.00
C ILE B 77 0.78 -8.74 7.46
N ASP B 78 0.81 -7.43 7.27
CA ASP B 78 1.94 -6.76 6.67
C ASP B 78 3.23 -7.02 7.45
N THR B 79 3.13 -6.98 8.77
CA THR B 79 4.30 -7.15 9.63
C THR B 79 4.79 -8.60 9.66
N LEU B 80 3.87 -9.55 9.68
CA LEU B 80 4.25 -10.96 9.65
C LEU B 80 5.01 -11.30 8.37
N ILE B 81 4.48 -10.86 7.23
CA ILE B 81 5.11 -11.14 5.95
C ILE B 81 6.54 -10.57 5.89
N GLN B 82 6.71 -9.35 6.38
CA GLN B 82 8.05 -8.75 6.44
C GLN B 82 9.02 -9.45 7.40
N MET B 83 8.48 -10.16 8.38
CA MET B 83 9.28 -10.91 9.35
C MET B 83 9.82 -12.19 8.70
N GLY B 84 9.30 -12.53 7.53
CA GLY B 84 9.81 -13.68 6.81
C GLY B 84 8.96 -14.92 6.97
N PHE B 85 9.36 -15.96 6.23
CA PHE B 85 8.68 -17.24 6.25
C PHE B 85 9.70 -18.29 5.87
N ILE B 86 9.59 -19.50 6.43
CA ILE B 86 10.56 -20.55 6.18
C ILE B 86 10.40 -21.16 4.78
N LEU B 87 11.52 -21.53 4.17
CA LEU B 87 11.54 -22.15 2.85
C LEU B 87 12.28 -23.47 2.92
N PRO B 88 12.08 -24.33 1.91
CA PRO B 88 12.76 -25.63 1.85
C PRO B 88 14.27 -25.48 1.89
N GLU B 89 14.95 -26.48 2.45
CA GLU B 89 16.40 -26.49 2.49
C GLU B 89 16.99 -26.08 1.15
N GLY B 90 18.04 -25.27 1.19
CA GLY B 90 18.68 -24.81 -0.04
C GLY B 90 18.24 -23.44 -0.49
N TYR B 91 17.07 -22.99 -0.05
CA TYR B 91 16.54 -21.67 -0.42
C TYR B 91 16.55 -20.71 0.76
N LYS B 92 17.13 -19.54 0.56
CA LYS B 92 17.21 -18.53 1.60
C LYS B 92 16.43 -17.28 1.21
N LEU B 93 15.47 -16.93 2.06
CA LEU B 93 14.73 -15.69 1.85
C LEU B 93 15.68 -14.54 2.16
N VAL B 94 15.99 -13.75 1.14
CA VAL B 94 17.00 -12.72 1.26
C VAL B 94 16.41 -11.37 1.64
N ALA B 95 15.19 -11.10 1.21
CA ALA B 95 14.57 -9.81 1.47
C ALA B 95 13.08 -9.81 1.14
N VAL B 96 12.31 -9.10 1.95
CA VAL B 96 10.89 -8.90 1.72
C VAL B 96 10.65 -7.40 1.59
N ARG B 97 10.10 -6.98 0.45
CA ARG B 97 9.92 -5.57 0.14
C ARG B 97 8.49 -5.25 -0.26
N HIS B 98 7.99 -4.10 0.18
CA HIS B 98 6.81 -3.52 -0.46
C HIS B 98 7.29 -3.07 -1.82
N CYS B 99 6.51 -3.41 -2.84
CA CYS B 99 6.87 -3.10 -4.18
C CYS B 99 5.62 -3.20 -5.03
N GLY B 100 5.34 -2.14 -5.75
CA GLY B 100 4.19 -2.10 -6.63
C GLY B 100 2.95 -1.47 -6.00
N LYS B 101 1.79 -1.87 -6.51
CA LYS B 101 0.51 -1.27 -6.19
C LYS B 101 0.08 -1.47 -4.74
N GLN B 102 -0.26 -0.36 -4.10
CA GLN B 102 -0.81 -0.39 -2.76
C GLN B 102 -2.12 0.38 -2.80
N ASN B 103 -3.22 -0.27 -2.42
CA ASN B 103 -4.54 0.35 -2.57
C ASN B 103 -5.43 0.18 -1.37
N LEU B 104 -6.28 1.19 -1.16
CA LEU B 104 -7.34 1.10 -0.17
C LEU B 104 -8.54 1.69 -0.85
N VAL B 105 -9.48 0.82 -1.23
CA VAL B 105 -10.61 1.27 -2.04
C VAL B 105 -11.93 0.62 -1.59
N LYS B 106 -13.02 1.37 -1.73
CA LYS B 106 -14.35 0.85 -1.46
C LYS B 106 -14.88 0.04 -2.65
N GLU B 107 -15.38 -1.16 -2.39
CA GLU B 107 -16.01 -1.97 -3.43
C GLU B 107 -17.37 -2.50 -2.97
N ASN B 108 -18.42 -1.90 -3.51
CA ASN B 108 -19.77 -2.19 -3.05
C ASN B 108 -19.87 -1.88 -1.57
N THR B 109 -19.91 -2.93 -0.76
CA THR B 109 -20.06 -2.77 0.69
C THR B 109 -18.80 -3.21 1.45
N LEU B 110 -17.70 -3.42 0.73
CA LEU B 110 -16.47 -3.85 1.38
C LEU B 110 -15.38 -2.80 1.24
N ILE B 111 -14.49 -2.77 2.22
CA ILE B 111 -13.23 -2.06 2.10
C ILE B 111 -12.14 -3.03 1.58
N HIS B 112 -11.59 -2.70 0.43
CA HIS B 112 -10.62 -3.57 -0.20
C HIS B 112 -9.22 -3.00 -0.02
N ALA B 113 -8.39 -3.70 0.74
CA ALA B 113 -6.99 -3.31 0.93
C ALA B 113 -6.06 -4.25 0.18
N LYS B 114 -5.16 -3.66 -0.59
CA LYS B 114 -4.25 -4.40 -1.42
C LYS B 114 -2.82 -3.97 -1.14
N THR B 115 -1.98 -4.93 -0.75
CA THR B 115 -0.59 -4.67 -0.42
C THR B 115 0.32 -5.54 -1.28
N SER B 116 1.23 -4.90 -2.01
CA SER B 116 2.09 -5.62 -2.94
C SER B 116 3.51 -5.79 -2.45
N PHE B 117 3.98 -7.03 -2.54
CA PHE B 117 5.31 -7.41 -2.10
C PHE B 117 6.18 -7.95 -3.21
N GLU B 118 7.48 -7.80 -3.00
CA GLU B 118 8.47 -8.48 -3.82
C GLU B 118 9.41 -9.17 -2.86
N VAL B 119 9.58 -10.47 -3.02
CA VAL B 119 10.55 -11.19 -2.22
C VAL B 119 11.69 -11.72 -3.07
N SER B 120 12.89 -11.63 -2.53
CA SER B 120 14.08 -12.20 -3.14
C SER B 120 14.45 -13.49 -2.43
N ILE B 121 14.62 -14.54 -3.23
CA ILE B 121 14.99 -15.85 -2.73
C ILE B 121 16.28 -16.32 -3.40
N CYS B 122 17.20 -16.83 -2.58
CA CYS B 122 18.50 -17.22 -3.09
C CYS B 122 18.72 -18.73 -2.97
N ARG B 123 19.48 -19.29 -3.90
CA ARG B 123 19.88 -20.68 -3.84
C ARG B 123 21.27 -20.83 -4.46
#